data_2JHP
#
_entry.id   2JHP
#
_cell.length_a   76.242
_cell.length_b   76.242
_cell.length_c   421.508
_cell.angle_alpha   90.00
_cell.angle_beta   90.00
_cell.angle_gamma   120.00
#
_symmetry.space_group_name_H-M   'P 65 2 2'
#
loop_
_entity.id
_entity.type
_entity.pdbx_description
1 polymer 'VP4 CORE PROTEIN'
2 non-polymer S-ADENOSYL-L-HOMOCYSTEINE
3 non-polymer GUANINE
4 water water
#
_entity_poly.entity_id   1
_entity_poly.type   'polypeptide(L)'
_entity_poly.pdbx_seq_one_letter_code
;MPEPHAVLYVTNELSHIVKDGFLPIWKLTGDESLNDLWLENGKYATDVYAYGDVSKWTIRQLRGHGFIFISTHKNVQLAD
IIKTVDVRIPREVARSHDMKAFENEIGRRRIRMRKGFGDALRNYAFKMAIEFHGSEAETLNDANPRLHKIYGMPEIPPLY
MEYAEIGTRFDDEPTDEKLVSMLDYIVYSAEEVHYIGCGDLRTLMQFKKRSPGRFRRVLWHVYDPIAPECSDPNVIVHNI
MVDSKKDILKHMNFLKRVERLFIWDVSSDRSQMNDHEWETTRFAEDRLGEEIAYEMGGAFSSALIKHRIPNSKDEYHCIS
TYLFPQPGADADMYELRNFMRLRGYSHVDRHMHPDASVTKVVSRDVRKMVELYHGRDRGRFLKKRLFEHLHIVRKNGLLH
ESDEPRADLFYLTNRCNMGLEPSIYEVMKKSVIATAWVGRAPLYDYDDFALPRSTVMLNGSYRDIRILDGNGAILFLMWR
YPDIVKKDLTYDPAWAMNFAVSLKEPIPDPPVPDISLCRFIGLRVESSVLRVRNPTLHETADELKRMGLDLSGHLYVTLM
SGAYVTDLFWWFKMILDWSAQNREQKLRDLKRSAAEVIEWKEQMAERPWHVRNDLIAALREYKRKMGMREGASIDSWLEL
LRHL
;
_entity_poly.pdbx_strand_id   A
#
# COMPACT_ATOMS: atom_id res chain seq x y z
N PRO A 2 8.41 7.65 17.89
CA PRO A 2 8.86 7.88 19.26
C PRO A 2 8.54 9.29 19.75
N GLU A 3 8.91 10.26 18.93
CA GLU A 3 8.98 11.65 19.28
C GLU A 3 8.37 12.55 18.18
N PRO A 4 8.35 12.09 16.91
CA PRO A 4 7.71 12.96 15.94
C PRO A 4 6.26 13.23 16.34
N HIS A 5 5.83 14.47 16.14
CA HIS A 5 4.49 14.89 16.51
C HIS A 5 3.85 15.69 15.40
N ALA A 6 2.53 15.62 15.30
CA ALA A 6 1.76 16.44 14.38
C ALA A 6 1.40 17.74 15.09
N VAL A 7 1.37 18.83 14.34
CA VAL A 7 0.80 20.03 14.87
C VAL A 7 -0.67 20.03 14.44
N LEU A 8 -1.56 19.82 15.42
CA LEU A 8 -2.97 19.72 15.15
C LEU A 8 -3.54 21.13 15.12
N TYR A 9 -3.53 21.70 13.93
CA TYR A 9 -3.96 23.06 13.74
C TYR A 9 -5.45 23.15 13.51
N VAL A 10 -6.10 24.00 14.31
CA VAL A 10 -7.53 24.23 14.18
C VAL A 10 -7.81 25.70 13.84
N THR A 11 -8.88 25.94 13.08
CA THR A 11 -9.30 27.28 12.73
C THR A 11 -10.04 27.95 13.89
N ASN A 12 -10.32 29.24 13.75
CA ASN A 12 -10.73 30.08 14.87
C ASN A 12 -12.02 29.68 15.58
N GLU A 13 -13.02 29.26 14.81
CA GLU A 13 -14.33 28.92 15.38
C GLU A 13 -14.26 27.72 16.31
N LEU A 14 -13.09 27.08 16.33
CA LEU A 14 -12.89 25.79 16.97
C LEU A 14 -11.90 25.94 18.12
N SER A 15 -11.08 26.99 18.02
CA SER A 15 -9.98 27.27 18.95
C SER A 15 -10.33 27.21 20.45
N HIS A 16 -11.55 27.57 20.81
CA HIS A 16 -11.96 27.64 22.20
C HIS A 16 -12.09 26.27 22.88
N ILE A 17 -12.42 25.23 22.10
CA ILE A 17 -12.62 23.87 22.62
C ILE A 17 -11.29 23.26 23.06
N VAL A 18 -10.27 23.58 22.29
CA VAL A 18 -8.91 23.10 22.46
C VAL A 18 -8.31 23.48 23.82
N LYS A 19 -8.49 24.74 24.21
CA LYS A 19 -7.87 25.28 25.43
C LYS A 19 -8.15 24.45 26.69
N ASP A 20 -9.26 23.70 26.66
CA ASP A 20 -9.72 22.95 27.83
C ASP A 20 -9.32 21.46 27.80
N GLY A 21 -8.36 21.13 26.92
CA GLY A 21 -7.89 19.74 26.76
C GLY A 21 -6.64 19.45 27.58
N PHE A 22 -5.91 18.41 27.20
CA PHE A 22 -4.72 18.00 27.97
C PHE A 22 -3.42 18.05 27.17
N LEU A 23 -3.55 17.99 25.83
CA LEU A 23 -2.44 18.28 24.95
C LEU A 23 -2.08 19.76 25.06
N PRO A 24 -0.82 20.11 24.79
CA PRO A 24 -0.39 21.49 24.95
C PRO A 24 -0.99 22.34 23.83
N ILE A 25 -0.97 23.66 24.00
CA ILE A 25 -1.54 24.59 23.03
C ILE A 25 -0.48 25.58 22.58
N TRP A 26 -0.45 25.83 21.28
CA TRP A 26 0.47 26.79 20.70
C TRP A 26 -0.34 27.92 20.07
N LYS A 27 -0.24 29.10 20.65
CA LYS A 27 -0.83 30.30 20.05
C LYS A 27 0.20 31.05 19.21
N LEU A 28 0.06 30.97 17.89
CA LEU A 28 0.51 32.04 17.01
C LEU A 28 -0.58 33.09 16.80
N THR A 29 -0.43 33.88 15.74
CA THR A 29 0.11 35.23 15.87
C THR A 29 1.08 35.54 14.74
N GLY A 30 0.73 36.53 13.91
CA GLY A 30 1.05 36.48 12.50
C GLY A 30 2.54 36.39 12.24
N ASP A 31 3.33 36.82 13.22
CA ASP A 31 4.74 37.08 13.00
C ASP A 31 5.55 36.90 14.28
N GLU A 32 5.66 35.66 14.73
CA GLU A 32 6.30 34.58 13.91
C GLU A 32 7.13 34.85 12.65
N SER A 33 8.43 34.90 12.89
CA SER A 33 9.42 34.78 11.84
C SER A 33 9.61 33.30 11.64
N LEU A 34 10.29 32.93 10.54
CA LEU A 34 10.56 31.54 10.19
C LEU A 34 11.19 30.81 11.38
N ASN A 35 12.26 31.41 11.93
CA ASN A 35 12.97 30.85 13.08
C ASN A 35 12.12 30.68 14.34
N ASP A 36 11.15 31.58 14.54
CA ASP A 36 10.20 31.47 15.65
C ASP A 36 9.49 30.13 15.64
N LEU A 37 8.89 29.79 14.50
CA LEU A 37 8.15 28.53 14.37
C LEU A 37 9.06 27.37 14.73
N TRP A 38 10.25 27.35 14.16
CA TRP A 38 11.18 26.26 14.34
C TRP A 38 11.55 26.06 15.82
N LEU A 39 11.89 27.14 16.51
CA LEU A 39 12.24 27.02 17.93
C LEU A 39 11.01 26.81 18.84
N GLU A 40 9.86 27.31 18.40
CA GLU A 40 8.62 27.09 19.13
C GLU A 40 8.11 25.68 19.03
N ASN A 41 7.95 25.20 17.79
CA ASN A 41 7.50 23.84 17.52
C ASN A 41 8.39 22.79 18.19
N GLY A 42 9.69 23.07 18.28
CA GLY A 42 10.65 22.13 18.86
C GLY A 42 10.52 21.91 20.35
N LYS A 43 9.75 22.76 21.02
CA LYS A 43 9.50 22.65 22.46
C LYS A 43 8.51 21.52 22.78
N TYR A 44 7.73 21.12 21.78
CA TYR A 44 6.66 20.16 22.00
C TYR A 44 7.08 18.71 21.74
N ALA A 45 6.80 17.84 22.70
CA ALA A 45 7.20 16.43 22.61
C ALA A 45 6.04 15.46 22.36
N THR A 46 4.82 15.97 22.37
CA THR A 46 3.62 15.19 21.98
C THR A 46 2.94 15.94 20.86
N ASP A 47 1.88 15.37 20.29
CA ASP A 47 0.98 16.15 19.43
C ASP A 47 0.50 17.37 20.19
N VAL A 48 0.30 18.46 19.46
CA VAL A 48 -0.05 19.77 20.03
C VAL A 48 -1.10 20.44 19.20
N TYR A 49 -1.95 21.20 19.89
CA TYR A 49 -2.96 21.99 19.20
C TYR A 49 -2.40 23.35 18.86
N ALA A 50 -2.85 23.90 17.74
CA ALA A 50 -2.47 25.24 17.33
C ALA A 50 -3.63 26.00 16.70
N TYR A 51 -3.72 27.28 17.01
CA TYR A 51 -4.68 28.20 16.39
C TYR A 51 -4.05 29.59 16.17
N GLY A 52 -4.68 30.38 15.31
CA GLY A 52 -4.16 31.69 14.92
C GLY A 52 -3.78 31.73 13.46
N ASP A 53 -3.29 32.88 13.00
CA ASP A 53 -3.01 33.12 11.57
C ASP A 53 -1.77 32.36 11.02
N VAL A 54 -2.00 31.52 10.01
CA VAL A 54 -0.93 30.76 9.35
C VAL A 54 -0.81 31.10 7.88
N SER A 55 -1.50 32.17 7.47
CA SER A 55 -1.75 32.48 6.06
C SER A 55 -0.51 32.93 5.27
N LYS A 56 0.56 33.31 5.97
CA LYS A 56 1.80 33.72 5.29
C LYS A 56 2.82 32.59 5.14
N TRP A 57 2.39 31.37 5.46
CA TRP A 57 3.22 30.16 5.32
C TRP A 57 2.74 29.25 4.19
N THR A 58 3.69 28.67 3.46
CA THR A 58 3.37 27.73 2.38
C THR A 58 3.01 26.34 2.92
N ILE A 59 2.24 25.60 2.16
CA ILE A 59 1.80 24.25 2.51
C ILE A 59 2.98 23.33 2.92
N ARG A 60 4.00 23.24 2.08
CA ARG A 60 5.19 22.44 2.33
C ARG A 60 5.96 22.88 3.57
N GLN A 61 5.95 24.19 3.85
CA GLN A 61 6.55 24.72 5.07
C GLN A 61 5.79 24.17 6.26
N LEU A 62 4.47 24.32 6.22
CA LEU A 62 3.62 23.82 7.31
C LEU A 62 3.66 22.30 7.45
N ARG A 63 3.74 21.59 6.33
CA ARG A 63 3.86 20.12 6.38
C ARG A 63 5.19 19.67 6.99
N GLY A 64 6.25 20.43 6.72
CA GLY A 64 7.56 20.17 7.30
C GLY A 64 7.53 20.35 8.81
N HIS A 65 6.59 21.18 9.25
CA HIS A 65 6.33 21.38 10.67
C HIS A 65 5.46 20.30 11.30
N GLY A 66 4.83 19.48 10.46
CA GLY A 66 3.88 18.48 10.92
C GLY A 66 2.43 18.94 11.06
N PHE A 67 2.05 19.99 10.34
CA PHE A 67 0.68 20.53 10.37
C PHE A 67 -0.40 19.62 9.79
N ILE A 68 -1.50 19.49 10.53
CA ILE A 68 -2.72 18.87 10.07
C ILE A 68 -3.80 19.91 10.27
N PHE A 69 -4.60 20.11 9.23
CA PHE A 69 -5.56 21.21 9.21
C PHE A 69 -6.96 20.70 9.55
N ILE A 70 -7.49 21.23 10.66
CA ILE A 70 -8.79 20.80 11.18
C ILE A 70 -9.75 22.00 11.23
N SER A 71 -10.95 21.83 10.67
CA SER A 71 -11.96 22.91 10.67
C SER A 71 -13.36 22.39 10.41
N THR A 72 -14.35 23.25 10.65
CA THR A 72 -15.71 23.00 10.19
C THR A 72 -15.82 23.36 8.71
N HIS A 73 -15.07 24.40 8.32
CA HIS A 73 -15.06 24.92 6.94
C HIS A 73 -14.35 23.98 5.96
N LYS A 74 -14.60 24.17 4.66
CA LYS A 74 -14.06 23.25 3.64
C LYS A 74 -12.54 23.36 3.48
N ASN A 75 -12.00 24.57 3.62
CA ASN A 75 -10.56 24.77 3.44
C ASN A 75 -9.98 25.96 4.20
N VAL A 76 -8.66 26.09 4.13
CA VAL A 76 -7.94 27.19 4.78
C VAL A 76 -7.03 27.87 3.75
N GLN A 77 -6.90 29.19 3.87
CA GLN A 77 -6.08 29.99 2.98
C GLN A 77 -4.63 30.05 3.45
N LEU A 78 -3.74 29.39 2.70
CA LEU A 78 -2.30 29.46 2.95
C LEU A 78 -1.63 30.44 1.99
N ALA A 79 -0.32 30.61 2.12
CA ALA A 79 0.43 31.57 1.28
C ALA A 79 0.66 31.02 -0.12
N ASP A 80 0.35 29.75 -0.28
CA ASP A 80 0.78 28.94 -1.39
C ASP A 80 -0.41 28.54 -2.23
N ILE A 81 -1.37 27.87 -1.57
CA ILE A 81 -2.57 27.33 -2.20
C ILE A 81 -3.77 27.49 -1.26
N ILE A 82 -4.96 27.23 -1.77
CA ILE A 82 -6.14 27.10 -0.93
C ILE A 82 -6.23 25.62 -0.52
N LYS A 83 -5.69 25.32 0.66
CA LYS A 83 -5.52 23.93 1.10
C LYS A 83 -6.82 23.29 1.57
N THR A 84 -7.16 22.13 0.98
CA THR A 84 -8.30 21.34 1.42
C THR A 84 -8.10 20.88 2.86
N VAL A 85 -9.15 21.03 3.68
CA VAL A 85 -9.12 20.68 5.10
C VAL A 85 -8.91 19.18 5.32
N ASP A 86 -7.86 18.84 6.07
CA ASP A 86 -7.51 17.44 6.37
C ASP A 86 -8.59 16.73 7.18
N VAL A 87 -8.99 17.33 8.30
CA VAL A 87 -10.05 16.79 9.15
C VAL A 87 -11.19 17.78 9.18
N ARG A 88 -12.32 17.40 8.59
CA ARG A 88 -13.50 18.27 8.66
C ARG A 88 -14.41 17.92 9.83
N ILE A 89 -14.45 18.81 10.80
CA ILE A 89 -15.28 18.68 11.99
C ILE A 89 -16.72 19.02 11.65
N PRO A 90 -17.62 18.05 11.87
CA PRO A 90 -19.07 18.22 11.64
C PRO A 90 -19.68 19.34 12.47
N ARG A 91 -20.85 19.81 12.04
CA ARG A 91 -21.58 20.86 12.77
C ARG A 91 -21.92 20.40 14.18
N GLU A 92 -22.63 19.29 14.28
CA GLU A 92 -23.12 18.74 15.55
C GLU A 92 -21.99 18.46 16.54
N VAL A 93 -20.82 18.13 16.00
CA VAL A 93 -19.65 17.81 16.80
C VAL A 93 -19.04 19.06 17.47
N ALA A 94 -19.31 20.24 16.91
CA ALA A 94 -18.62 21.48 17.33
C ALA A 94 -18.62 21.83 18.85
N ARG A 95 -19.74 21.88 19.60
CA ARG A 95 -21.12 22.28 19.23
C ARG A 95 -22.07 21.04 19.19
N SER A 96 -21.97 20.12 20.18
CA SER A 96 -21.92 20.34 21.66
C SER A 96 -20.65 20.64 22.51
N HIS A 97 -19.54 21.07 21.92
CA HIS A 97 -18.33 21.41 22.71
C HIS A 97 -17.74 20.23 23.49
N ASP A 98 -18.02 19.01 23.03
CA ASP A 98 -17.44 17.81 23.62
C ASP A 98 -15.96 17.67 23.20
N MET A 99 -15.06 17.79 24.17
CA MET A 99 -13.63 17.64 23.91
C MET A 99 -13.27 16.21 23.51
N LYS A 100 -13.96 15.23 24.09
CA LYS A 100 -13.75 13.83 23.74
C LYS A 100 -14.20 13.49 22.30
N ALA A 101 -15.44 13.83 21.96
CA ALA A 101 -15.96 13.57 20.60
C ALA A 101 -15.12 14.26 19.53
N PHE A 102 -14.67 15.48 19.83
CA PHE A 102 -13.75 16.24 18.98
C PHE A 102 -12.48 15.46 18.71
N GLU A 103 -11.81 15.02 19.77
CA GLU A 103 -10.56 14.27 19.65
C GLU A 103 -10.74 12.95 18.89
N ASN A 104 -11.81 12.21 19.21
CA ASN A 104 -12.18 10.98 18.51
C ASN A 104 -12.45 11.22 17.03
N GLU A 105 -13.01 12.39 16.72
CA GLU A 105 -13.18 12.81 15.33
C GLU A 105 -11.83 12.94 14.64
N ILE A 106 -10.92 13.69 15.24
CA ILE A 106 -9.54 13.80 14.75
C ILE A 106 -8.92 12.43 14.56
N GLY A 107 -8.99 11.60 15.60
CA GLY A 107 -8.39 10.28 15.59
C GLY A 107 -8.90 9.34 14.52
N ARG A 108 -10.22 9.27 14.35
CA ARG A 108 -10.80 8.45 13.29
C ARG A 108 -10.35 8.91 11.91
N ARG A 109 -10.50 10.20 11.63
CA ARG A 109 -10.07 10.73 10.33
C ARG A 109 -8.58 10.57 10.17
N ARG A 110 -7.86 10.67 11.27
CA ARG A 110 -6.41 10.44 11.26
C ARG A 110 -6.05 9.00 10.80
N ILE A 111 -6.77 8.00 11.30
CA ILE A 111 -6.58 6.61 10.88
C ILE A 111 -6.89 6.44 9.39
N ARG A 112 -7.93 7.12 8.91
CA ARG A 112 -8.27 7.10 7.49
C ARG A 112 -7.21 7.72 6.57
N MET A 113 -6.44 8.68 7.09
CA MET A 113 -5.42 9.39 6.30
C MET A 113 -4.20 8.54 5.97
N ARG A 114 -4.02 7.43 6.67
CA ARG A 114 -2.90 6.52 6.40
C ARG A 114 -2.91 6.06 4.97
N LYS A 115 -4.12 5.83 4.44
CA LYS A 115 -4.26 5.34 3.07
C LYS A 115 -3.67 6.35 2.10
N GLY A 116 -3.91 7.63 2.38
CA GLY A 116 -3.42 8.72 1.54
C GLY A 116 -1.90 8.70 1.45
N PHE A 117 -1.26 8.48 2.59
CA PHE A 117 0.19 8.42 2.62
C PHE A 117 0.73 7.26 1.77
N GLY A 118 0.27 6.05 2.06
CA GLY A 118 0.65 4.88 1.28
C GLY A 118 0.36 4.97 -0.21
N ASP A 119 -0.77 5.61 -0.56
CA ASP A 119 -1.22 5.72 -1.95
C ASP A 119 -0.36 6.67 -2.77
N ALA A 120 0.13 7.72 -2.11
CA ALA A 120 1.00 8.66 -2.76
C ALA A 120 2.33 7.99 -3.11
N LEU A 121 2.87 7.22 -2.17
CA LEU A 121 4.08 6.45 -2.43
C LEU A 121 3.87 5.36 -3.48
N ARG A 122 2.68 4.76 -3.51
CA ARG A 122 2.44 3.66 -4.41
C ARG A 122 2.24 4.17 -5.84
N ASN A 123 1.65 5.35 -5.98
CA ASN A 123 1.43 5.91 -7.31
C ASN A 123 2.74 6.27 -7.95
N TYR A 124 3.66 6.85 -7.20
CA TYR A 124 5.01 7.10 -7.69
C TYR A 124 5.63 5.78 -8.18
N ALA A 125 5.41 4.72 -7.39
CA ALA A 125 5.95 3.39 -7.68
C ALA A 125 5.36 2.74 -8.93
N PHE A 126 4.09 3.03 -9.25
CA PHE A 126 3.48 2.49 -10.46
C PHE A 126 4.05 3.20 -11.68
N LYS A 127 4.51 4.43 -11.49
CA LYS A 127 5.12 5.22 -12.56
C LYS A 127 6.55 4.75 -12.82
N MET A 128 7.22 4.26 -11.78
CA MET A 128 8.64 3.96 -11.88
C MET A 128 9.02 2.48 -11.81
N ALA A 129 8.08 1.58 -11.56
CA ALA A 129 8.45 0.17 -11.38
C ALA A 129 7.60 -0.85 -12.15
N ILE A 130 8.20 -2.00 -12.41
CA ILE A 130 7.48 -3.15 -12.96
C ILE A 130 7.11 -4.11 -11.83
N GLU A 131 8.08 -4.44 -10.96
CA GLU A 131 7.87 -5.43 -9.90
C GLU A 131 7.38 -4.82 -8.57
N PHE A 132 6.38 -5.48 -7.95
CA PHE A 132 5.87 -5.08 -6.64
C PHE A 132 5.91 -6.24 -5.66
N HIS A 133 6.62 -6.04 -4.54
CA HIS A 133 6.73 -7.09 -3.54
C HIS A 133 5.94 -6.78 -2.26
N GLY A 134 5.65 -7.84 -1.50
CA GLY A 134 4.78 -7.80 -0.31
C GLY A 134 3.38 -7.32 -0.65
N SER A 135 2.86 -7.71 -1.81
CA SER A 135 1.65 -7.08 -2.34
C SER A 135 0.44 -7.73 -1.78
N GLU A 136 -0.68 -7.00 -1.84
CA GLU A 136 -2.00 -7.53 -1.49
C GLU A 136 -3.00 -6.82 -2.37
N ALA A 137 -4.29 -7.02 -2.10
CA ALA A 137 -5.37 -6.48 -2.96
C ALA A 137 -5.20 -5.00 -3.35
N GLU A 138 -4.67 -4.17 -2.44
CA GLU A 138 -4.45 -2.74 -2.74
C GLU A 138 -3.54 -2.50 -3.96
N THR A 139 -2.56 -3.39 -4.16
CA THR A 139 -1.65 -3.26 -5.28
C THR A 139 -2.28 -3.75 -6.57
N LEU A 140 -2.89 -4.94 -6.52
CA LEU A 140 -3.62 -5.50 -7.65
C LEU A 140 -4.65 -4.51 -8.20
N ASN A 141 -5.42 -3.91 -7.29
CA ASN A 141 -6.45 -2.94 -7.65
C ASN A 141 -6.01 -1.76 -8.50
N ASP A 142 -4.77 -1.30 -8.34
CA ASP A 142 -4.30 -0.16 -9.11
C ASP A 142 -3.25 -0.52 -10.16
N ALA A 143 -3.09 -1.81 -10.43
CA ALA A 143 -2.02 -2.32 -11.31
C ALA A 143 -2.51 -2.60 -12.72
N ASN A 144 -1.68 -2.27 -13.70
CA ASN A 144 -1.88 -2.67 -15.10
C ASN A 144 -1.34 -4.08 -15.25
N PRO A 145 -2.24 -5.07 -15.28
CA PRO A 145 -1.76 -6.46 -15.20
C PRO A 145 -0.94 -6.89 -16.41
N ARG A 146 -0.97 -6.05 -17.45
CA ARG A 146 -0.23 -6.29 -18.69
C ARG A 146 1.19 -5.70 -18.65
N LEU A 147 1.51 -4.99 -17.58
CA LEU A 147 2.82 -4.37 -17.42
C LEU A 147 3.47 -4.71 -16.09
N HIS A 148 2.78 -4.36 -15.00
CA HIS A 148 3.28 -4.62 -13.65
C HIS A 148 3.24 -6.12 -13.31
N LYS A 149 4.24 -6.55 -12.54
CA LYS A 149 4.34 -7.89 -12.00
C LYS A 149 4.18 -7.78 -10.49
N ILE A 150 3.12 -8.39 -9.97
CA ILE A 150 2.73 -8.23 -8.56
C ILE A 150 3.03 -9.49 -7.75
N TYR A 151 3.96 -9.35 -6.81
CA TYR A 151 4.39 -10.43 -5.92
C TYR A 151 4.05 -10.14 -4.47
N GLY A 152 4.06 -11.20 -3.68
CA GLY A 152 3.75 -11.14 -2.26
C GLY A 152 3.66 -12.52 -1.64
N MET A 153 3.27 -12.54 -0.37
CA MET A 153 2.96 -13.78 0.35
C MET A 153 1.69 -13.56 1.15
N PRO A 154 0.55 -13.43 0.45
CA PRO A 154 -0.71 -13.12 1.13
C PRO A 154 -1.25 -14.33 1.87
N GLU A 155 -2.11 -14.07 2.86
CA GLU A 155 -2.67 -15.10 3.75
C GLU A 155 -3.53 -16.02 2.91
N ILE A 156 -3.13 -17.28 2.84
CA ILE A 156 -3.78 -18.28 1.98
C ILE A 156 -5.21 -18.62 2.45
N PRO A 157 -6.19 -18.56 1.53
CA PRO A 157 -7.59 -18.90 1.85
C PRO A 157 -7.78 -20.38 2.10
N PRO A 158 -8.95 -20.76 2.67
CA PRO A 158 -9.43 -22.13 2.72
C PRO A 158 -9.49 -22.76 1.33
N LEU A 159 -8.85 -23.90 1.16
CA LEU A 159 -8.82 -24.61 -0.11
C LEU A 159 -9.04 -26.08 0.10
N TYR A 160 -9.15 -26.80 -1.02
CA TYR A 160 -9.18 -28.25 -1.03
C TYR A 160 -8.45 -28.82 -2.24
N MET A 161 -7.49 -29.71 -1.97
CA MET A 161 -6.96 -30.66 -2.95
C MET A 161 -6.53 -31.95 -2.23
N GLU A 162 -5.53 -32.62 -2.82
CA GLU A 162 -4.97 -33.90 -2.32
C GLU A 162 -5.46 -34.66 -1.06
N TYR A 163 -4.99 -34.42 0.19
CA TYR A 163 -4.32 -33.23 0.80
C TYR A 163 -5.10 -32.79 2.06
N ALA A 164 -5.98 -31.76 1.91
CA ALA A 164 -6.86 -31.29 2.99
C ALA A 164 -6.14 -30.69 4.21
N GLU A 165 -6.77 -29.68 4.82
CA GLU A 165 -6.19 -28.99 5.99
C GLU A 165 -7.26 -28.49 6.97
N ILE A 166 -8.29 -27.85 6.41
CA ILE A 166 -9.39 -27.17 7.13
C ILE A 166 -9.64 -27.55 8.61
N GLY A 167 -9.79 -26.55 9.49
CA GLY A 167 -9.88 -25.13 9.13
C GLY A 167 -8.57 -24.43 8.78
N THR A 168 -8.13 -23.49 9.60
CA THR A 168 -8.85 -22.99 10.78
C THR A 168 -9.92 -21.97 10.37
N ARG A 169 -10.74 -21.56 11.33
CA ARG A 169 -11.79 -20.56 11.10
C ARG A 169 -11.28 -19.13 11.31
N PHE A 170 -11.81 -18.18 10.52
CA PHE A 170 -11.54 -16.77 10.74
C PHE A 170 -12.84 -15.94 10.80
N ASP A 171 -12.80 -14.84 11.56
CA ASP A 171 -13.92 -13.92 11.64
C ASP A 171 -14.12 -13.18 10.31
N ASP A 172 -15.38 -13.00 9.91
CA ASP A 172 -15.71 -12.43 8.60
C ASP A 172 -16.94 -11.51 8.57
N GLU A 173 -17.07 -10.72 7.50
CA GLU A 173 -18.13 -9.72 7.36
C GLU A 173 -18.94 -9.97 6.08
N PRO A 174 -20.15 -9.37 5.97
CA PRO A 174 -20.95 -9.49 4.73
C PRO A 174 -20.30 -8.82 3.52
N THR A 175 -20.60 -9.31 2.32
CA THR A 175 -20.14 -8.68 1.06
C THR A 175 -21.22 -8.71 0.00
N ASP A 176 -20.83 -8.52 -1.26
CA ASP A 176 -21.77 -8.57 -2.38
C ASP A 176 -22.44 -9.95 -2.52
N GLU A 177 -23.56 -9.97 -3.24
CA GLU A 177 -24.26 -11.22 -3.53
C GLU A 177 -23.34 -12.22 -4.24
N LYS A 178 -23.42 -13.46 -3.79
CA LYS A 178 -22.57 -14.58 -4.22
C LYS A 178 -22.06 -14.52 -5.66
N LEU A 179 -22.96 -14.28 -6.61
CA LEU A 179 -22.63 -14.36 -8.03
C LEU A 179 -21.87 -13.15 -8.63
N VAL A 180 -22.03 -11.96 -8.05
CA VAL A 180 -21.16 -10.84 -8.42
C VAL A 180 -19.83 -10.88 -7.67
N SER A 181 -19.87 -11.43 -6.46
CA SER A 181 -18.67 -11.67 -5.69
C SER A 181 -17.80 -12.67 -6.42
N MET A 182 -18.44 -13.60 -7.11
CA MET A 182 -17.71 -14.61 -7.88
C MET A 182 -16.80 -13.92 -8.90
N LEU A 183 -17.40 -13.10 -9.77
CA LEU A 183 -16.64 -12.28 -10.71
C LEU A 183 -15.61 -11.40 -10.01
N ASP A 184 -15.95 -10.88 -8.83
CA ASP A 184 -15.04 -10.01 -8.08
C ASP A 184 -13.64 -10.56 -7.83
N TYR A 185 -13.54 -11.83 -7.42
CA TYR A 185 -12.23 -12.42 -7.18
C TYR A 185 -11.60 -13.13 -8.39
N ILE A 186 -12.40 -13.54 -9.37
CA ILE A 186 -11.82 -14.25 -10.51
C ILE A 186 -11.37 -13.30 -11.62
N VAL A 187 -12.09 -12.20 -11.83
CA VAL A 187 -11.75 -11.25 -12.91
C VAL A 187 -10.61 -10.33 -12.47
N TYR A 188 -9.46 -10.47 -13.13
CA TYR A 188 -8.31 -9.55 -12.89
C TYR A 188 -7.44 -9.28 -14.13
N SER A 189 -6.92 -10.34 -14.74
CA SER A 189 -5.96 -10.23 -15.85
C SER A 189 -6.48 -10.73 -17.18
N ALA A 190 -7.62 -11.41 -17.18
CA ALA A 190 -8.23 -11.94 -18.41
C ALA A 190 -8.73 -10.79 -19.30
N GLU A 191 -8.34 -10.81 -20.57
CA GLU A 191 -8.85 -9.87 -21.58
C GLU A 191 -10.18 -10.34 -22.15
N GLU A 192 -10.43 -11.63 -22.06
CA GLU A 192 -11.61 -12.22 -22.70
C GLU A 192 -12.18 -13.32 -21.82
N VAL A 193 -13.46 -13.20 -21.52
CA VAL A 193 -14.18 -14.18 -20.71
C VAL A 193 -15.31 -14.81 -21.47
N HIS A 194 -15.30 -16.14 -21.48
CA HIS A 194 -16.40 -16.93 -21.98
C HIS A 194 -17.22 -17.43 -20.78
N TYR A 195 -18.45 -16.91 -20.68
CA TYR A 195 -19.30 -17.14 -19.50
C TYR A 195 -20.51 -17.97 -19.90
N ILE A 196 -20.41 -19.27 -19.63
CA ILE A 196 -21.45 -20.24 -19.97
C ILE A 196 -22.41 -20.37 -18.79
N GLY A 197 -23.70 -20.27 -19.07
CA GLY A 197 -24.72 -20.30 -18.03
C GLY A 197 -24.85 -18.95 -17.37
N CYS A 198 -24.78 -17.89 -18.18
CA CYS A 198 -24.78 -16.51 -17.69
C CYS A 198 -26.10 -16.06 -17.07
N GLY A 199 -27.19 -16.76 -17.39
CA GLY A 199 -28.51 -16.41 -16.86
C GLY A 199 -29.09 -15.17 -17.51
N ASP A 200 -29.74 -14.32 -16.70
CA ASP A 200 -30.42 -13.11 -17.18
C ASP A 200 -29.52 -11.88 -17.26
N LEU A 201 -28.25 -12.05 -16.90
CA LEU A 201 -27.22 -11.02 -17.03
C LEU A 201 -27.25 -9.91 -15.97
N ARG A 202 -28.21 -9.98 -15.05
CA ARG A 202 -28.31 -9.02 -13.93
C ARG A 202 -27.01 -9.04 -13.13
N THR A 203 -26.51 -10.25 -12.90
CA THR A 203 -25.23 -10.47 -12.24
C THR A 203 -24.09 -9.75 -12.98
N LEU A 204 -24.00 -9.93 -14.30
CA LEU A 204 -22.96 -9.27 -15.08
C LEU A 204 -23.12 -7.76 -15.06
N MET A 205 -24.36 -7.30 -15.06
CA MET A 205 -24.63 -5.85 -15.08
C MET A 205 -24.32 -5.19 -13.75
N GLN A 206 -24.45 -5.94 -12.66
CA GLN A 206 -24.05 -5.43 -11.35
C GLN A 206 -22.53 -5.33 -11.23
N PHE A 207 -21.81 -6.22 -11.91
CA PHE A 207 -20.36 -6.14 -11.99
C PHE A 207 -19.94 -4.87 -12.75
N LYS A 208 -20.57 -4.63 -13.89
CA LYS A 208 -20.38 -3.39 -14.65
C LYS A 208 -20.58 -2.15 -13.76
N LYS A 209 -21.64 -2.16 -12.96
CA LYS A 209 -22.00 -1.02 -12.10
C LYS A 209 -21.03 -0.84 -10.94
N ARG A 210 -20.68 -1.93 -10.27
CA ARG A 210 -19.74 -1.86 -9.14
C ARG A 210 -18.27 -1.77 -9.56
N SER A 211 -17.91 -2.35 -10.71
CA SER A 211 -16.54 -2.36 -11.19
C SER A 211 -16.44 -1.94 -12.67
N PRO A 212 -16.75 -0.67 -12.98
CA PRO A 212 -16.72 -0.20 -14.38
C PRO A 212 -15.43 -0.57 -15.12
N GLY A 213 -14.29 -0.31 -14.46
CA GLY A 213 -12.97 -0.48 -15.06
C GLY A 213 -12.70 -1.86 -15.64
N ARG A 214 -12.60 -2.86 -14.75
CA ARG A 214 -12.31 -4.20 -15.19
C ARG A 214 -13.41 -4.84 -16.02
N PHE A 215 -14.63 -4.34 -15.88
CA PHE A 215 -15.69 -4.72 -16.82
C PHE A 215 -15.34 -4.26 -18.24
N ARG A 216 -15.11 -2.96 -18.41
CA ARG A 216 -14.79 -2.39 -19.72
C ARG A 216 -13.57 -3.01 -20.41
N ARG A 217 -12.54 -3.36 -19.64
CA ARG A 217 -11.32 -3.93 -20.19
C ARG A 217 -11.46 -5.41 -20.63
N VAL A 218 -12.65 -5.98 -20.45
CA VAL A 218 -12.85 -7.39 -20.75
C VAL A 218 -13.82 -7.59 -21.89
N LEU A 219 -13.51 -8.54 -22.78
CA LEU A 219 -14.47 -8.96 -23.79
C LEU A 219 -15.27 -10.17 -23.29
N TRP A 220 -16.58 -9.98 -23.19
CA TRP A 220 -17.48 -10.94 -22.57
C TRP A 220 -18.29 -11.75 -23.59
N HIS A 221 -17.94 -13.01 -23.77
CA HIS A 221 -18.76 -13.91 -24.57
C HIS A 221 -19.68 -14.65 -23.61
N VAL A 222 -20.97 -14.36 -23.67
CA VAL A 222 -21.92 -14.90 -22.70
C VAL A 222 -22.90 -15.87 -23.36
N TYR A 223 -23.03 -17.06 -22.78
CA TYR A 223 -23.79 -18.16 -23.39
C TYR A 223 -24.96 -18.60 -22.51
N ASP A 224 -26.16 -18.56 -23.08
CA ASP A 224 -27.38 -19.06 -22.42
C ASP A 224 -28.58 -18.93 -23.33
N PRO A 225 -29.29 -20.03 -23.57
CA PRO A 225 -30.59 -20.03 -24.26
C PRO A 225 -31.59 -18.92 -23.86
N ILE A 226 -31.61 -18.53 -22.58
CA ILE A 226 -32.52 -17.48 -22.10
C ILE A 226 -31.86 -16.12 -21.85
N ALA A 227 -30.65 -15.92 -22.41
CA ALA A 227 -29.95 -14.64 -22.27
C ALA A 227 -30.64 -13.53 -23.06
N PRO A 228 -30.90 -12.39 -22.41
CA PRO A 228 -31.54 -11.24 -23.06
C PRO A 228 -30.56 -10.46 -23.95
N GLU A 229 -31.06 -9.44 -24.66
CA GLU A 229 -30.20 -8.54 -25.43
C GLU A 229 -29.26 -7.77 -24.52
N CYS A 230 -28.07 -7.45 -25.02
CA CYS A 230 -27.14 -6.61 -24.29
C CYS A 230 -26.46 -5.59 -25.22
N SER A 231 -26.89 -4.34 -25.09
CA SER A 231 -26.43 -3.24 -25.92
C SER A 231 -24.97 -2.84 -25.63
N ASP A 232 -24.36 -3.43 -24.61
CA ASP A 232 -22.95 -3.20 -24.33
C ASP A 232 -22.09 -3.83 -25.42
N PRO A 233 -21.23 -3.00 -26.06
CA PRO A 233 -20.40 -3.42 -27.19
C PRO A 233 -19.40 -4.53 -26.89
N ASN A 234 -18.91 -4.61 -25.65
CA ASN A 234 -18.00 -5.69 -25.26
C ASN A 234 -18.70 -6.93 -24.67
N VAL A 235 -20.04 -6.95 -24.77
CA VAL A 235 -20.80 -8.16 -24.42
C VAL A 235 -21.42 -8.79 -25.66
N ILE A 236 -20.84 -9.91 -26.06
CA ILE A 236 -21.30 -10.68 -27.20
C ILE A 236 -22.16 -11.84 -26.67
N VAL A 237 -23.43 -11.81 -27.06
CA VAL A 237 -24.46 -12.67 -26.45
C VAL A 237 -24.78 -13.87 -27.32
N HIS A 238 -24.71 -15.06 -26.71
CA HIS A 238 -25.01 -16.30 -27.40
C HIS A 238 -26.18 -17.00 -26.70
N ASN A 239 -27.23 -17.29 -27.47
CA ASN A 239 -28.39 -18.03 -26.97
C ASN A 239 -28.26 -19.51 -27.29
N ILE A 240 -27.02 -19.99 -27.22
CA ILE A 240 -26.65 -21.34 -27.56
C ILE A 240 -26.57 -22.17 -26.30
N MET A 241 -26.99 -23.42 -26.39
CA MET A 241 -26.75 -24.38 -25.32
C MET A 241 -25.46 -25.16 -25.61
N VAL A 242 -24.57 -25.16 -24.63
CA VAL A 242 -23.20 -25.66 -24.81
C VAL A 242 -23.06 -27.11 -24.37
N ASP A 243 -22.64 -27.97 -25.30
CA ASP A 243 -22.37 -29.38 -24.97
C ASP A 243 -20.94 -29.83 -25.31
N SER A 244 -20.27 -29.06 -26.17
CA SER A 244 -18.87 -29.35 -26.53
C SER A 244 -18.04 -28.09 -26.70
N LYS A 245 -16.72 -28.28 -26.68
CA LYS A 245 -15.77 -27.20 -26.90
C LYS A 245 -16.02 -26.47 -28.21
N LYS A 246 -16.55 -27.19 -29.20
CA LYS A 246 -16.87 -26.64 -30.52
C LYS A 246 -17.70 -25.35 -30.45
N ASP A 247 -18.61 -25.29 -29.47
CA ASP A 247 -19.50 -24.13 -29.31
C ASP A 247 -18.77 -22.86 -28.86
N ILE A 248 -17.53 -23.03 -28.40
CA ILE A 248 -16.72 -21.96 -27.84
C ILE A 248 -15.54 -21.62 -28.76
N LEU A 249 -14.94 -22.65 -29.37
CA LEU A 249 -13.88 -22.46 -30.36
C LEU A 249 -14.26 -21.49 -31.48
N LYS A 250 -15.50 -21.60 -31.97
CA LYS A 250 -15.95 -20.80 -33.11
C LYS A 250 -16.07 -19.29 -32.81
N HIS A 251 -16.13 -18.93 -31.53
CA HIS A 251 -16.18 -17.52 -31.14
C HIS A 251 -14.84 -17.04 -30.58
N MET A 252 -13.77 -17.60 -31.10
CA MET A 252 -12.42 -17.21 -30.70
C MET A 252 -11.58 -16.75 -31.88
N ASN A 253 -10.72 -15.78 -31.62
CA ASN A 253 -9.72 -15.35 -32.59
C ASN A 253 -8.34 -15.83 -32.15
N PHE A 254 -7.80 -16.82 -32.88
CA PHE A 254 -6.52 -17.41 -32.54
C PHE A 254 -5.32 -16.63 -33.05
N LEU A 255 -5.49 -15.91 -34.16
CA LEU A 255 -4.40 -15.16 -34.78
C LEU A 255 -3.93 -13.98 -33.91
N LYS A 256 -4.57 -13.78 -32.77
CA LYS A 256 -4.15 -12.76 -31.80
C LYS A 256 -4.04 -13.36 -30.38
N ARG A 257 -2.96 -13.00 -29.71
CA ARG A 257 -2.61 -13.47 -28.37
C ARG A 257 -3.54 -12.84 -27.33
N VAL A 258 -4.09 -13.67 -26.43
CA VAL A 258 -4.95 -13.18 -25.37
C VAL A 258 -4.96 -14.12 -24.15
N GLU A 259 -5.16 -13.53 -22.96
CA GLU A 259 -5.48 -14.34 -21.80
C GLU A 259 -6.98 -14.49 -21.76
N ARG A 260 -7.44 -15.74 -21.84
CA ARG A 260 -8.85 -16.06 -21.78
C ARG A 260 -9.17 -16.77 -20.46
N LEU A 261 -10.33 -16.46 -19.89
CA LEU A 261 -10.84 -17.17 -18.71
C LEU A 261 -12.19 -17.82 -19.00
N PHE A 262 -12.33 -19.07 -18.56
CA PHE A 262 -13.52 -19.87 -18.79
C PHE A 262 -14.35 -19.94 -17.52
N ILE A 263 -15.59 -19.44 -17.60
CA ILE A 263 -16.52 -19.41 -16.44
C ILE A 263 -17.76 -20.27 -16.74
N TRP A 264 -17.99 -21.29 -15.90
CA TRP A 264 -19.09 -22.27 -16.08
C TRP A 264 -20.02 -22.27 -14.87
N ASP A 265 -21.28 -21.87 -15.12
CA ASP A 265 -22.31 -21.79 -14.09
C ASP A 265 -23.59 -22.49 -14.54
N VAL A 266 -23.42 -23.52 -15.36
CA VAL A 266 -24.54 -24.29 -15.91
C VAL A 266 -25.35 -25.07 -14.86
N SER A 267 -26.67 -24.91 -14.92
CA SER A 267 -27.63 -25.65 -14.10
C SER A 267 -29.00 -25.68 -14.80
N SER A 268 -29.82 -26.68 -14.48
CA SER A 268 -31.13 -26.86 -15.15
C SER A 268 -32.29 -27.06 -14.17
N ASP A 269 -33.47 -27.36 -14.72
CA ASP A 269 -34.65 -27.72 -13.93
C ASP A 269 -34.69 -29.22 -13.65
N GLU A 277 -36.28 -39.56 -9.89
CA GLU A 277 -36.02 -38.13 -9.92
C GLU A 277 -34.83 -37.78 -9.02
N TRP A 278 -33.68 -37.54 -9.65
CA TRP A 278 -32.52 -37.08 -8.92
C TRP A 278 -31.55 -36.22 -9.75
N GLU A 279 -30.48 -35.78 -9.09
CA GLU A 279 -29.61 -34.93 -9.81
C GLU A 279 -28.19 -35.49 -9.96
N THR A 280 -28.14 -36.70 -10.54
CA THR A 280 -26.96 -37.21 -11.25
C THR A 280 -26.74 -36.24 -12.43
N THR A 281 -27.85 -35.64 -12.89
CA THR A 281 -27.86 -34.52 -13.84
C THR A 281 -26.90 -33.38 -13.44
N ARG A 282 -27.07 -32.88 -12.22
CA ARG A 282 -26.24 -31.79 -11.69
C ARG A 282 -24.76 -32.16 -11.68
N PHE A 283 -24.50 -33.45 -11.44
CA PHE A 283 -23.14 -33.98 -11.39
C PHE A 283 -22.51 -34.02 -12.78
N ALA A 284 -23.26 -34.52 -13.77
CA ALA A 284 -22.76 -34.62 -15.13
C ALA A 284 -22.57 -33.25 -15.80
N GLU A 285 -23.26 -32.23 -15.29
CA GLU A 285 -23.06 -30.84 -15.74
C GLU A 285 -21.79 -30.23 -15.19
N ASP A 286 -21.55 -30.40 -13.90
CA ASP A 286 -20.32 -29.88 -13.30
C ASP A 286 -19.12 -30.55 -13.93
N ARG A 287 -19.19 -31.87 -14.09
CA ARG A 287 -18.15 -32.67 -14.75
C ARG A 287 -17.91 -32.25 -16.20
N LEU A 288 -18.97 -31.83 -16.89
CA LEU A 288 -18.88 -31.44 -18.30
C LEU A 288 -18.10 -30.16 -18.47
N GLY A 289 -18.42 -29.16 -17.65
CA GLY A 289 -17.76 -27.87 -17.64
C GLY A 289 -16.27 -28.01 -17.45
N GLU A 290 -15.89 -28.89 -16.53
CA GLU A 290 -14.51 -29.22 -16.26
C GLU A 290 -13.82 -29.84 -17.47
N GLU A 291 -14.48 -30.83 -18.06
CA GLU A 291 -14.00 -31.56 -19.24
C GLU A 291 -13.82 -30.63 -20.44
N ILE A 292 -14.82 -29.81 -20.73
CA ILE A 292 -14.73 -28.80 -21.78
C ILE A 292 -13.53 -27.88 -21.54
N ALA A 293 -13.35 -27.46 -20.29
CA ALA A 293 -12.23 -26.60 -19.92
C ALA A 293 -10.88 -27.30 -20.13
N TYR A 294 -10.78 -28.55 -19.66
CA TYR A 294 -9.56 -29.34 -19.80
C TYR A 294 -9.18 -29.51 -21.28
N GLU A 295 -10.17 -29.82 -22.13
CA GLU A 295 -9.95 -29.96 -23.57
C GLU A 295 -9.38 -28.68 -24.14
N MET A 296 -9.84 -27.57 -23.58
CA MET A 296 -9.49 -26.25 -24.05
C MET A 296 -8.34 -25.61 -23.27
N GLY A 297 -7.66 -26.40 -22.44
CA GLY A 297 -6.38 -25.96 -21.87
C GLY A 297 -5.45 -25.71 -23.03
N GLY A 298 -4.69 -24.63 -22.94
CA GLY A 298 -3.88 -24.19 -24.08
C GLY A 298 -4.46 -22.91 -24.66
N ALA A 299 -5.79 -22.81 -24.64
CA ALA A 299 -6.51 -21.59 -25.06
C ALA A 299 -6.92 -20.73 -23.86
N PHE A 300 -6.97 -21.35 -22.68
CA PHE A 300 -7.43 -20.66 -21.47
C PHE A 300 -6.39 -20.66 -20.37
N SER A 301 -6.15 -19.49 -19.79
CA SER A 301 -5.27 -19.38 -18.61
C SER A 301 -5.85 -20.06 -17.36
N SER A 302 -7.17 -20.03 -17.23
CA SER A 302 -7.84 -20.45 -16.00
C SER A 302 -9.33 -20.71 -16.22
N ALA A 303 -9.91 -21.50 -15.33
CA ALA A 303 -11.33 -21.78 -15.39
C ALA A 303 -11.92 -21.75 -13.99
N LEU A 304 -13.15 -21.27 -13.89
CA LEU A 304 -13.92 -21.39 -12.65
C LEU A 304 -15.23 -22.13 -12.91
N ILE A 305 -15.34 -23.33 -12.34
CA ILE A 305 -16.50 -24.19 -12.58
C ILE A 305 -17.44 -24.30 -11.36
N LYS A 306 -18.75 -24.28 -11.63
CA LYS A 306 -19.77 -24.56 -10.63
C LYS A 306 -19.52 -25.93 -9.99
N HIS A 307 -19.64 -26.02 -8.68
CA HIS A 307 -19.33 -27.27 -7.99
C HIS A 307 -20.30 -27.60 -6.87
N ARG A 308 -21.43 -28.22 -7.22
CA ARG A 308 -22.36 -28.70 -6.19
C ARG A 308 -21.91 -30.05 -5.66
N ILE A 309 -21.85 -30.16 -4.33
CA ILE A 309 -21.53 -31.42 -3.65
C ILE A 309 -22.73 -32.36 -3.64
N PRO A 310 -22.56 -33.58 -4.15
CA PRO A 310 -23.60 -34.62 -4.19
C PRO A 310 -24.06 -35.08 -2.80
N ASN A 311 -25.24 -35.67 -2.71
CA ASN A 311 -25.79 -36.10 -1.43
C ASN A 311 -25.58 -37.60 -1.21
N SER A 312 -25.69 -38.35 -2.29
CA SER A 312 -25.59 -39.80 -2.26
C SER A 312 -24.15 -40.27 -2.13
N LYS A 313 -23.26 -39.70 -2.94
CA LYS A 313 -21.85 -40.08 -2.97
C LYS A 313 -21.09 -39.54 -1.76
N ASP A 314 -20.34 -40.43 -1.10
CA ASP A 314 -19.51 -40.04 0.05
C ASP A 314 -18.11 -39.64 -0.39
N GLU A 315 -17.66 -40.24 -1.48
CA GLU A 315 -16.45 -39.82 -2.17
C GLU A 315 -16.72 -39.86 -3.68
N TYR A 316 -15.88 -39.14 -4.43
CA TYR A 316 -16.07 -38.97 -5.87
C TYR A 316 -14.87 -38.25 -6.48
N HIS A 317 -14.90 -38.08 -7.80
CA HIS A 317 -13.77 -37.47 -8.49
C HIS A 317 -14.16 -36.29 -9.38
N CYS A 318 -13.18 -35.44 -9.66
CA CYS A 318 -13.36 -34.29 -10.52
C CYS A 318 -12.00 -33.78 -11.04
N ILE A 319 -12.05 -32.84 -11.97
CA ILE A 319 -10.85 -32.24 -12.53
C ILE A 319 -10.67 -30.84 -11.95
N SER A 320 -9.61 -30.66 -11.17
CA SER A 320 -9.48 -29.45 -10.38
C SER A 320 -8.05 -29.00 -10.10
N THR A 321 -7.91 -27.72 -9.75
CA THR A 321 -6.71 -27.21 -9.09
C THR A 321 -7.06 -26.94 -7.63
N TYR A 322 -8.10 -26.14 -7.40
CA TYR A 322 -8.60 -25.91 -6.05
C TYR A 322 -10.11 -26.02 -6.01
N LEU A 323 -10.64 -26.34 -4.83
CA LEU A 323 -12.06 -26.15 -4.53
C LEU A 323 -12.14 -25.22 -3.32
N PHE A 324 -12.94 -24.17 -3.45
CA PHE A 324 -13.09 -23.28 -2.31
C PHE A 324 -14.48 -22.77 -2.04
N PRO A 325 -14.71 -22.27 -0.80
CA PRO A 325 -16.01 -21.73 -0.41
C PRO A 325 -16.32 -20.44 -1.17
N GLN A 326 -17.61 -20.10 -1.21
CA GLN A 326 -18.09 -18.95 -1.96
C GLN A 326 -18.49 -17.80 -1.04
N PRO A 327 -17.83 -16.64 -1.21
CA PRO A 327 -18.22 -15.45 -0.47
C PRO A 327 -19.65 -15.05 -0.80
N GLY A 328 -20.42 -14.68 0.23
CA GLY A 328 -21.80 -14.21 0.06
C GLY A 328 -22.83 -15.31 -0.15
N ALA A 329 -22.40 -16.56 -0.06
CA ALA A 329 -23.29 -17.71 -0.22
C ALA A 329 -23.98 -18.03 1.10
N ASP A 330 -25.17 -18.61 1.02
CA ASP A 330 -25.98 -18.97 2.20
C ASP A 330 -25.35 -20.10 3.00
N ALA A 331 -25.63 -20.10 4.30
CA ALA A 331 -25.10 -21.10 5.24
C ALA A 331 -25.42 -22.55 4.85
N ASP A 332 -26.59 -22.75 4.24
CA ASP A 332 -27.04 -24.07 3.80
C ASP A 332 -26.68 -24.42 2.36
N MET A 333 -26.07 -23.47 1.65
CA MET A 333 -25.70 -23.64 0.25
C MET A 333 -24.48 -24.56 0.10
N TYR A 334 -24.74 -25.83 -0.22
CA TYR A 334 -23.65 -26.82 -0.37
C TYR A 334 -23.08 -26.86 -1.77
N GLU A 335 -22.46 -25.76 -2.12
CA GLU A 335 -21.89 -25.53 -3.44
C GLU A 335 -20.58 -24.77 -3.26
N LEU A 336 -19.55 -25.22 -3.96
CA LEU A 336 -18.26 -24.56 -3.95
C LEU A 336 -17.96 -24.08 -5.35
N ARG A 337 -16.75 -23.55 -5.54
CA ARG A 337 -16.26 -23.20 -6.87
C ARG A 337 -14.99 -23.96 -7.16
N ASN A 338 -14.88 -24.42 -8.39
CA ASN A 338 -13.74 -25.21 -8.82
C ASN A 338 -12.84 -24.33 -9.64
N PHE A 339 -11.71 -23.95 -9.06
CA PHE A 339 -10.71 -23.21 -9.80
C PHE A 339 -9.74 -24.18 -10.50
N MET A 340 -9.50 -23.91 -11.78
CA MET A 340 -8.65 -24.75 -12.60
C MET A 340 -7.57 -23.87 -13.19
N ARG A 341 -6.31 -24.13 -12.82
CA ARG A 341 -5.18 -23.45 -13.44
C ARG A 341 -4.73 -24.26 -14.64
N LEU A 342 -4.73 -23.61 -15.79
CA LEU A 342 -4.45 -24.29 -17.05
C LEU A 342 -3.21 -23.74 -17.71
N ARG A 343 -2.85 -24.30 -18.87
CA ARG A 343 -1.87 -23.65 -19.71
C ARG A 343 -2.71 -22.86 -20.71
N GLY A 344 -2.10 -21.86 -21.31
CA GLY A 344 -2.83 -20.86 -22.07
C GLY A 344 -2.21 -19.53 -21.70
N TYR A 345 -2.09 -18.62 -22.66
CA TYR A 345 -1.43 -17.34 -22.40
C TYR A 345 -2.05 -16.65 -21.17
N SER A 346 -1.18 -16.06 -20.35
CA SER A 346 -1.57 -15.41 -19.10
C SER A 346 -0.61 -14.29 -18.74
N HIS A 347 -1.15 -13.16 -18.33
CA HIS A 347 -0.33 -12.02 -17.89
C HIS A 347 0.21 -12.24 -16.47
N VAL A 348 -0.30 -13.25 -15.78
CA VAL A 348 0.19 -13.59 -14.45
C VAL A 348 0.74 -15.01 -14.47
N ASP A 349 1.98 -15.16 -14.01
CA ASP A 349 2.58 -16.47 -13.86
C ASP A 349 1.93 -17.26 -12.69
N ARG A 350 0.99 -18.13 -13.04
CA ARG A 350 0.31 -18.96 -12.07
C ARG A 350 0.88 -20.38 -12.02
N HIS A 351 2.11 -20.59 -12.49
CA HIS A 351 2.68 -21.94 -12.49
C HIS A 351 2.76 -22.56 -11.09
N MET A 352 2.92 -21.74 -10.06
CA MET A 352 2.95 -22.23 -8.67
C MET A 352 1.67 -22.95 -8.26
N HIS A 353 0.55 -22.57 -8.84
CA HIS A 353 -0.70 -23.32 -8.67
C HIS A 353 -0.62 -24.56 -9.53
N PRO A 354 -0.75 -25.75 -8.92
CA PRO A 354 -0.62 -26.99 -9.71
C PRO A 354 -1.64 -27.08 -10.84
N ASP A 355 -1.17 -27.51 -12.01
CA ASP A 355 -1.98 -27.81 -13.19
C ASP A 355 -3.25 -28.55 -12.77
N ALA A 356 -4.38 -28.26 -13.42
CA ALA A 356 -5.62 -28.93 -13.03
C ALA A 356 -5.52 -30.39 -13.36
N SER A 357 -5.82 -31.22 -12.37
CA SER A 357 -5.75 -32.67 -12.50
C SER A 357 -6.94 -33.38 -11.86
N VAL A 358 -6.97 -34.70 -12.00
CA VAL A 358 -8.04 -35.50 -11.42
C VAL A 358 -7.82 -35.60 -9.91
N THR A 359 -8.87 -35.26 -9.16
CA THR A 359 -8.78 -35.13 -7.71
C THR A 359 -9.86 -35.97 -7.03
N LYS A 360 -9.48 -36.68 -5.97
CA LYS A 360 -10.42 -37.36 -5.11
C LYS A 360 -10.90 -36.38 -4.07
N VAL A 361 -12.20 -36.42 -3.77
CA VAL A 361 -12.78 -35.52 -2.76
C VAL A 361 -13.75 -36.25 -1.81
N VAL A 362 -13.48 -36.11 -0.51
CA VAL A 362 -14.37 -36.65 0.52
C VAL A 362 -15.43 -35.62 0.85
N SER A 363 -16.68 -35.95 0.53
CA SER A 363 -17.83 -35.09 0.78
C SER A 363 -17.79 -34.43 2.16
N ARG A 364 -17.53 -35.23 3.19
CA ARG A 364 -17.50 -34.80 4.58
C ARG A 364 -16.60 -33.58 4.87
N ASP A 365 -15.43 -33.52 4.24
CA ASP A 365 -14.48 -32.46 4.49
C ASP A 365 -14.81 -31.23 3.65
N VAL A 366 -15.48 -31.51 2.53
CA VAL A 366 -15.99 -30.48 1.64
C VAL A 366 -17.36 -29.98 2.17
N ARG A 367 -17.94 -30.77 3.07
CA ARG A 367 -19.18 -30.42 3.76
C ARG A 367 -18.87 -29.45 4.90
N LYS A 368 -17.76 -29.71 5.60
CA LYS A 368 -17.28 -28.84 6.67
C LYS A 368 -16.97 -27.43 6.18
N MET A 369 -16.34 -27.34 5.01
CA MET A 369 -15.94 -26.04 4.49
C MET A 369 -17.13 -25.08 4.44
N VAL A 370 -18.22 -25.53 3.82
CA VAL A 370 -19.47 -24.77 3.76
C VAL A 370 -19.88 -24.32 5.17
N GLU A 371 -19.95 -25.27 6.10
CA GLU A 371 -20.37 -25.00 7.48
C GLU A 371 -19.45 -24.02 8.20
N LEU A 372 -18.17 -24.00 7.83
CA LEU A 372 -17.20 -23.13 8.47
C LEU A 372 -17.15 -21.72 7.87
N TYR A 373 -17.35 -21.60 6.56
CA TYR A 373 -17.10 -20.33 5.88
C TYR A 373 -18.29 -19.62 5.23
N HIS A 374 -19.32 -20.37 4.84
CA HIS A 374 -20.52 -19.77 4.24
C HIS A 374 -21.40 -19.02 5.25
N GLY A 375 -22.33 -18.21 4.72
CA GLY A 375 -23.23 -17.42 5.54
C GLY A 375 -23.42 -16.04 4.93
N ARG A 376 -24.67 -15.56 4.94
CA ARG A 376 -25.00 -14.26 4.35
C ARG A 376 -24.32 -13.11 5.12
N ASP A 377 -23.78 -13.40 6.29
CA ASP A 377 -22.97 -12.41 7.02
C ASP A 377 -21.47 -12.67 6.94
N ARG A 378 -21.05 -13.56 6.04
CA ARG A 378 -19.62 -13.84 5.84
C ARG A 378 -19.19 -13.58 4.41
N GLY A 379 -17.89 -13.46 4.19
CA GLY A 379 -17.37 -13.45 2.84
C GLY A 379 -16.37 -12.36 2.47
N ARG A 380 -16.41 -11.23 3.17
CA ARG A 380 -15.60 -10.06 2.77
C ARG A 380 -14.12 -10.39 2.70
N PHE A 381 -13.60 -10.95 3.79
CA PHE A 381 -12.21 -11.31 3.88
C PHE A 381 -11.87 -12.59 3.12
N LEU A 382 -12.85 -13.48 2.97
CA LEU A 382 -12.66 -14.63 2.09
C LEU A 382 -12.45 -14.13 0.66
N LYS A 383 -13.35 -13.25 0.20
CA LYS A 383 -13.22 -12.70 -1.14
C LYS A 383 -11.83 -12.08 -1.35
N LYS A 384 -11.40 -11.23 -0.42
CA LYS A 384 -10.07 -10.64 -0.48
C LYS A 384 -8.98 -11.67 -0.73
N ARG A 385 -8.94 -12.66 0.16
CA ARG A 385 -7.94 -13.73 0.17
C ARG A 385 -7.94 -14.61 -1.08
N LEU A 386 -9.12 -14.85 -1.67
CA LEU A 386 -9.20 -15.60 -2.91
C LEU A 386 -8.55 -14.77 -4.02
N PHE A 387 -8.99 -13.53 -4.14
CA PHE A 387 -8.45 -12.57 -5.08
C PHE A 387 -6.93 -12.56 -5.07
N GLU A 388 -6.35 -12.35 -3.88
CA GLU A 388 -4.90 -12.26 -3.69
C GLU A 388 -4.18 -13.57 -4.00
N HIS A 389 -4.84 -14.68 -3.72
CA HIS A 389 -4.20 -15.96 -3.90
C HIS A 389 -4.16 -16.36 -5.37
N LEU A 390 -5.22 -16.02 -6.09
CA LEU A 390 -5.32 -16.37 -7.49
C LEU A 390 -4.38 -15.52 -8.36
N HIS A 391 -4.20 -14.26 -7.98
CA HIS A 391 -3.68 -13.25 -8.90
C HIS A 391 -2.33 -12.64 -8.50
N ILE A 392 -1.72 -13.13 -7.43
CA ILE A 392 -0.40 -12.65 -7.00
C ILE A 392 0.58 -13.82 -7.07
N VAL A 393 1.74 -13.57 -7.66
CA VAL A 393 2.80 -14.57 -7.63
C VAL A 393 3.40 -14.62 -6.24
N ARG A 394 3.35 -15.80 -5.64
CA ARG A 394 3.87 -16.06 -4.30
C ARG A 394 5.41 -16.10 -4.39
N LYS A 395 6.06 -15.12 -3.77
CA LYS A 395 7.53 -14.96 -3.80
C LYS A 395 7.98 -14.13 -2.61
N ASN A 396 9.06 -14.54 -1.95
CA ASN A 396 9.63 -13.78 -0.84
C ASN A 396 10.55 -12.68 -1.36
N GLY A 397 10.12 -11.43 -1.13
CA GLY A 397 10.80 -10.25 -1.61
C GLY A 397 12.29 -10.23 -1.32
N LEU A 398 12.66 -10.67 -0.12
CA LEU A 398 14.06 -10.64 0.33
C LEU A 398 14.90 -11.64 -0.45
N LEU A 399 14.28 -12.70 -0.94
CA LEU A 399 15.01 -13.77 -1.61
C LEU A 399 14.91 -13.71 -3.12
N HIS A 400 14.08 -12.82 -3.63
CA HIS A 400 13.86 -12.70 -5.06
C HIS A 400 14.90 -11.80 -5.71
N GLU A 401 15.64 -12.33 -6.68
CA GLU A 401 16.55 -11.52 -7.49
C GLU A 401 15.82 -11.12 -8.78
N SER A 402 15.76 -9.81 -9.04
CA SER A 402 14.96 -9.29 -10.14
C SER A 402 15.77 -8.71 -11.29
N ASP A 403 15.16 -8.72 -12.47
CA ASP A 403 15.77 -8.14 -13.67
C ASP A 403 15.16 -6.78 -13.99
N GLU A 404 13.97 -6.54 -13.43
CA GLU A 404 13.18 -5.35 -13.70
C GLU A 404 13.21 -4.42 -12.49
N PRO A 405 13.05 -3.10 -12.72
CA PRO A 405 12.94 -2.20 -11.55
C PRO A 405 11.77 -2.59 -10.63
N ARG A 406 12.03 -2.56 -9.32
CA ARG A 406 11.14 -3.09 -8.31
C ARG A 406 10.72 -2.06 -7.26
N ALA A 407 9.59 -2.30 -6.60
CA ALA A 407 9.10 -1.51 -5.48
C ALA A 407 8.87 -2.41 -4.28
N ASP A 408 9.07 -1.88 -3.07
CA ASP A 408 9.07 -2.70 -1.86
C ASP A 408 8.35 -2.03 -0.68
N LEU A 409 7.06 -1.81 -0.88
CA LEU A 409 6.29 -0.93 -0.02
C LEU A 409 5.61 -1.69 1.13
N PHE A 410 5.86 -1.22 2.36
CA PHE A 410 5.13 -1.60 3.56
C PHE A 410 5.12 -3.10 3.83
N TYR A 411 6.30 -3.70 3.96
CA TYR A 411 6.37 -5.11 4.27
C TYR A 411 7.69 -5.51 4.93
N LEU A 412 8.78 -4.87 4.50
CA LEU A 412 10.11 -5.20 5.01
C LEU A 412 10.18 -5.50 6.52
N THR A 413 9.67 -4.58 7.33
CA THR A 413 9.82 -4.61 8.76
C THR A 413 8.62 -5.21 9.44
N ASN A 414 7.82 -5.96 8.68
CA ASN A 414 6.83 -6.89 9.22
C ASN A 414 7.54 -7.89 10.14
N ARG A 415 6.85 -8.29 11.21
CA ARG A 415 7.45 -9.11 12.24
C ARG A 415 7.98 -10.47 11.72
N CYS A 416 7.39 -10.98 10.64
CA CYS A 416 7.87 -12.20 9.99
C CYS A 416 9.27 -12.09 9.38
N ASN A 417 9.83 -10.88 9.36
CA ASN A 417 11.18 -10.64 8.80
C ASN A 417 12.22 -10.23 9.85
N MET A 418 11.85 -10.36 11.12
CA MET A 418 12.72 -10.00 12.22
C MET A 418 14.08 -10.70 12.14
N GLY A 419 15.13 -9.94 12.46
CA GLY A 419 16.50 -10.44 12.45
C GLY A 419 17.08 -10.68 11.06
N LEU A 420 16.57 -9.98 10.07
CA LEU A 420 17.03 -10.17 8.69
C LEU A 420 17.38 -8.82 8.06
N GLU A 421 17.89 -7.92 8.90
CA GLU A 421 18.36 -6.59 8.49
C GLU A 421 19.29 -6.59 7.27
N PRO A 422 20.30 -7.48 7.24
CA PRO A 422 21.18 -7.48 6.08
C PRO A 422 20.40 -7.52 4.77
N SER A 423 19.46 -8.45 4.64
CA SER A 423 18.77 -8.65 3.37
C SER A 423 17.71 -7.57 3.17
N ILE A 424 17.28 -6.98 4.28
CA ILE A 424 16.38 -5.81 4.25
C ILE A 424 17.13 -4.63 3.65
N TYR A 425 18.31 -4.34 4.20
CA TYR A 425 19.14 -3.25 3.66
C TYR A 425 19.57 -3.51 2.22
N GLU A 426 19.78 -4.78 1.89
CA GLU A 426 20.09 -5.20 0.53
C GLU A 426 18.95 -4.84 -0.43
N VAL A 427 17.71 -4.96 0.03
CA VAL A 427 16.57 -4.47 -0.76
C VAL A 427 16.56 -2.94 -0.91
N MET A 428 16.73 -2.23 0.21
CA MET A 428 16.75 -0.76 0.19
C MET A 428 17.92 -0.16 -0.64
N LYS A 429 18.94 -0.95 -0.93
CA LYS A 429 20.05 -0.51 -1.78
C LYS A 429 19.68 -0.53 -3.28
N LYS A 430 18.72 -1.37 -3.65
CA LYS A 430 18.40 -1.58 -5.08
C LYS A 430 16.94 -1.28 -5.44
N SER A 431 16.08 -1.11 -4.45
CA SER A 431 14.66 -0.88 -4.73
C SER A 431 14.46 0.52 -5.29
N VAL A 432 13.41 0.70 -6.10
CA VAL A 432 13.09 2.02 -6.66
C VAL A 432 12.45 2.85 -5.58
N ILE A 433 11.69 2.17 -4.72
CA ILE A 433 11.05 2.78 -3.57
C ILE A 433 10.76 1.70 -2.55
N ALA A 434 11.32 1.88 -1.35
CA ALA A 434 11.11 0.91 -0.27
C ALA A 434 10.81 1.64 1.03
N THR A 435 10.07 0.99 1.92
CA THR A 435 9.76 1.57 3.24
C THR A 435 10.23 0.66 4.37
N ALA A 436 10.58 1.28 5.49
CA ALA A 436 10.91 0.58 6.70
C ALA A 436 10.39 1.33 7.92
N TRP A 437 9.79 0.59 8.83
CA TRP A 437 9.26 1.16 10.06
C TRP A 437 10.39 1.54 11.05
N VAL A 438 10.34 2.78 11.56
CA VAL A 438 11.34 3.29 12.48
C VAL A 438 10.69 3.83 13.74
N GLY A 439 9.35 3.90 13.74
CA GLY A 439 8.60 4.39 14.87
C GLY A 439 8.86 3.62 16.15
N ARG A 440 9.03 4.34 17.26
CA ARG A 440 9.32 3.70 18.56
C ARG A 440 8.15 3.75 19.53
N ALA A 441 7.18 4.62 19.27
CA ALA A 441 5.96 4.68 20.08
C ALA A 441 5.27 3.31 20.08
N PRO A 442 4.37 3.06 21.05
CA PRO A 442 4.19 1.65 21.36
C PRO A 442 2.95 0.82 20.93
N LEU A 443 2.54 0.71 19.65
CA LEU A 443 2.25 1.76 18.66
C LEU A 443 1.23 1.01 17.82
N TYR A 444 -0.03 1.38 18.02
CA TYR A 444 -1.19 0.49 17.89
C TYR A 444 -1.72 0.22 16.48
N ASP A 445 -2.35 -0.95 16.32
CA ASP A 445 -2.84 -1.47 15.03
C ASP A 445 -1.75 -1.60 13.95
N TYR A 446 -0.49 -1.69 14.38
CA TYR A 446 0.61 -1.88 13.45
C TYR A 446 1.71 -2.77 14.05
N ASP A 447 1.92 -3.92 13.42
CA ASP A 447 2.75 -5.00 13.96
C ASP A 447 4.16 -5.08 13.35
N ASP A 448 4.85 -3.96 13.27
CA ASP A 448 6.20 -3.93 12.72
C ASP A 448 7.22 -3.72 13.80
N PHE A 449 8.44 -4.19 13.57
CA PHE A 449 9.56 -3.84 14.43
C PHE A 449 10.26 -2.63 13.81
N ALA A 450 10.83 -1.80 14.68
CA ALA A 450 11.53 -0.58 14.27
C ALA A 450 13.02 -0.81 13.99
N LEU A 451 13.48 -0.35 12.82
CA LEU A 451 14.91 -0.25 12.52
C LEU A 451 15.45 0.99 13.21
N PRO A 452 16.63 0.90 13.84
CA PRO A 452 17.22 2.13 14.39
C PRO A 452 17.41 3.18 13.32
N ARG A 453 16.87 4.37 13.52
CA ARG A 453 16.98 5.48 12.56
C ARG A 453 18.41 5.81 12.12
N SER A 454 19.34 5.85 13.06
CA SER A 454 20.71 6.22 12.77
C SER A 454 21.37 5.15 11.91
N THR A 455 21.01 3.89 12.14
CA THR A 455 21.50 2.79 11.32
C THR A 455 20.97 2.91 9.88
N VAL A 456 19.69 3.28 9.76
CA VAL A 456 19.04 3.46 8.47
C VAL A 456 19.80 4.53 7.69
N MET A 457 19.93 5.70 8.29
CA MET A 457 20.69 6.81 7.73
C MET A 457 22.09 6.41 7.25
N LEU A 458 22.81 5.69 8.09
CA LEU A 458 24.19 5.31 7.80
C LEU A 458 24.34 4.23 6.71
N ASN A 459 23.34 3.36 6.60
CA ASN A 459 23.36 2.26 5.63
C ASN A 459 22.63 2.58 4.34
N GLY A 460 21.55 3.34 4.46
CA GLY A 460 20.61 3.57 3.38
C GLY A 460 21.08 4.51 2.29
N SER A 461 21.86 5.52 2.66
CA SER A 461 22.22 6.60 1.75
C SER A 461 23.35 6.26 0.78
N TYR A 462 23.02 6.31 -0.51
CA TYR A 462 24.03 6.15 -1.56
C TYR A 462 23.92 7.26 -2.58
N ARG A 463 24.95 7.40 -3.39
CA ARG A 463 24.95 8.31 -4.51
C ARG A 463 23.56 8.27 -5.19
N ASP A 464 23.11 7.09 -5.59
CA ASP A 464 21.81 6.92 -6.27
C ASP A 464 20.62 6.64 -5.35
N ILE A 465 20.88 6.37 -4.07
CA ILE A 465 19.79 6.08 -3.14
C ILE A 465 19.59 7.18 -2.11
N ARG A 466 18.44 7.82 -2.23
CA ARG A 466 17.98 8.87 -1.36
C ARG A 466 17.26 8.25 -0.15
N ILE A 467 17.66 8.61 1.06
CA ILE A 467 17.08 8.02 2.26
C ILE A 467 16.48 9.08 3.18
N LEU A 468 15.16 9.01 3.37
CA LEU A 468 14.43 10.03 4.10
C LEU A 468 13.34 9.43 4.96
N ASP A 469 12.85 10.19 5.92
CA ASP A 469 11.69 9.80 6.68
C ASP A 469 10.47 10.02 5.79
N GLY A 470 9.37 9.36 6.13
CA GLY A 470 8.16 9.39 5.31
C GLY A 470 7.68 10.77 4.90
N ASN A 471 7.69 11.72 5.84
CA ASN A 471 7.24 13.06 5.54
C ASN A 471 8.18 13.77 4.60
N GLY A 472 9.48 13.60 4.84
CA GLY A 472 10.53 14.10 3.94
C GLY A 472 10.35 13.54 2.54
N ALA A 473 10.08 12.24 2.48
CA ALA A 473 9.90 11.52 1.23
C ALA A 473 8.75 12.09 0.42
N ILE A 474 7.66 12.42 1.09
CA ILE A 474 6.49 12.98 0.42
C ILE A 474 6.78 14.39 -0.10
N LEU A 475 7.40 15.21 0.76
CA LEU A 475 7.76 16.57 0.42
C LEU A 475 8.77 16.63 -0.72
N PHE A 476 9.67 15.66 -0.76
CA PHE A 476 10.58 15.49 -1.88
C PHE A 476 9.81 15.26 -3.18
N LEU A 477 8.81 14.37 -3.13
CA LEU A 477 8.02 14.03 -4.31
C LEU A 477 7.06 15.14 -4.68
N MET A 478 6.54 15.86 -3.69
CA MET A 478 5.79 17.06 -4.00
C MET A 478 6.64 17.98 -4.91
N TRP A 479 7.92 18.09 -4.56
CA TRP A 479 8.85 19.03 -5.15
C TRP A 479 9.38 18.62 -6.51
N ARG A 480 9.70 17.33 -6.65
CA ARG A 480 10.28 16.76 -7.87
C ARG A 480 9.22 16.26 -8.87
N TYR A 481 8.12 15.71 -8.37
CA TYR A 481 7.06 15.19 -9.23
C TYR A 481 5.69 15.76 -8.88
N PRO A 482 5.46 17.04 -9.19
CA PRO A 482 4.25 17.81 -8.87
C PRO A 482 2.89 17.23 -9.29
N ASP A 483 2.82 16.36 -10.29
CA ASP A 483 1.54 15.70 -10.56
C ASP A 483 1.50 14.21 -10.28
N ILE A 484 2.58 13.68 -9.72
CA ILE A 484 2.53 12.39 -9.07
C ILE A 484 2.01 12.62 -7.64
N VAL A 485 2.59 13.58 -6.93
CA VAL A 485 2.15 13.92 -5.57
C VAL A 485 1.84 15.40 -5.47
N LYS A 486 0.56 15.72 -5.42
CA LYS A 486 0.08 17.10 -5.43
C LYS A 486 0.36 17.80 -4.09
N LYS A 487 0.41 19.13 -4.12
CA LYS A 487 0.61 19.92 -2.91
C LYS A 487 -0.53 19.72 -1.91
N ASP A 488 -1.73 19.50 -2.44
CA ASP A 488 -2.98 19.44 -1.68
C ASP A 488 -3.25 18.08 -0.97
N LEU A 489 -2.36 17.11 -1.20
CA LEU A 489 -2.43 15.80 -0.58
C LEU A 489 -2.80 15.85 0.91
N THR A 490 -3.88 15.16 1.26
CA THR A 490 -4.27 15.01 2.64
C THR A 490 -3.53 13.80 3.19
N TYR A 491 -2.68 14.04 4.17
CA TYR A 491 -1.95 12.99 4.85
C TYR A 491 -1.48 13.48 6.22
N ASP A 492 -0.97 12.55 7.00
CA ASP A 492 -0.63 12.81 8.37
C ASP A 492 0.90 12.72 8.52
N PRO A 493 1.53 13.90 8.66
CA PRO A 493 2.99 13.96 8.76
C PRO A 493 3.62 13.12 9.88
N ALA A 494 2.97 13.06 11.04
CA ALA A 494 3.44 12.22 12.15
C ALA A 494 3.49 10.73 11.74
N TRP A 495 2.43 10.27 11.11
CA TRP A 495 2.35 8.91 10.63
C TRP A 495 3.47 8.62 9.64
N ALA A 496 3.56 9.44 8.59
CA ALA A 496 4.62 9.36 7.58
C ALA A 496 6.00 9.23 8.24
N MET A 497 6.19 9.97 9.32
CA MET A 497 7.44 9.98 10.08
C MET A 497 7.75 8.75 10.91
N ASN A 498 6.82 7.78 10.98
CA ASN A 498 7.13 6.46 11.51
C ASN A 498 7.90 5.58 10.53
N PHE A 499 8.02 6.02 9.27
CA PHE A 499 8.66 5.22 8.24
C PHE A 499 9.96 5.85 7.74
N ALA A 500 10.94 5.02 7.42
CA ALA A 500 12.02 5.49 6.57
C ALA A 500 11.67 5.08 5.16
N VAL A 501 11.99 5.95 4.21
CA VAL A 501 11.76 5.69 2.79
C VAL A 501 13.03 5.88 2.01
N SER A 502 13.31 4.91 1.15
CA SER A 502 14.43 4.98 0.23
C SER A 502 13.91 5.19 -1.18
N LEU A 503 14.59 6.04 -1.96
CA LEU A 503 14.16 6.36 -3.32
C LEU A 503 15.32 6.27 -4.31
N LYS A 504 15.08 5.65 -5.47
CA LYS A 504 16.05 5.66 -6.58
C LYS A 504 15.94 6.99 -7.32
N GLU A 505 16.39 8.04 -6.62
CA GLU A 505 16.37 9.41 -7.09
C GLU A 505 17.76 10.05 -6.87
N PRO A 506 18.33 10.68 -7.93
CA PRO A 506 19.67 11.28 -7.79
C PRO A 506 19.63 12.48 -6.86
N ILE A 507 20.74 12.72 -6.17
CA ILE A 507 20.94 13.92 -5.36
C ILE A 507 20.58 15.13 -6.21
N PRO A 508 19.77 16.06 -5.67
CA PRO A 508 19.43 17.27 -6.43
C PRO A 508 20.65 18.11 -6.79
N ASP A 509 20.51 18.94 -7.81
CA ASP A 509 21.63 19.66 -8.36
C ASP A 509 21.18 21.01 -8.92
N PRO A 510 21.60 22.12 -8.28
CA PRO A 510 22.37 22.29 -7.04
C PRO A 510 21.79 21.58 -5.83
N PRO A 511 22.67 20.99 -5.00
CA PRO A 511 22.29 20.30 -3.77
C PRO A 511 21.71 21.26 -2.73
N VAL A 512 20.50 21.75 -2.99
CA VAL A 512 19.86 22.77 -2.18
C VAL A 512 19.27 22.18 -0.87
N PRO A 513 19.24 22.98 0.23
CA PRO A 513 18.76 22.47 1.52
C PRO A 513 17.24 22.50 1.66
N ASP A 514 16.54 21.81 0.76
CA ASP A 514 15.08 21.80 0.77
C ASP A 514 14.46 21.09 1.97
N ILE A 515 13.26 21.56 2.36
CA ILE A 515 12.48 21.01 3.47
C ILE A 515 12.47 19.48 3.53
N SER A 516 12.36 18.85 2.35
CA SER A 516 12.40 17.39 2.21
C SER A 516 13.61 16.81 2.93
N LEU A 517 14.73 17.53 2.85
CA LEU A 517 15.96 17.14 3.52
C LEU A 517 16.01 17.65 4.98
N CYS A 518 15.69 18.93 5.18
CA CYS A 518 16.00 19.64 6.41
C CYS A 518 14.77 20.21 7.12
N ARG A 519 14.43 19.57 8.23
CA ARG A 519 13.40 20.08 9.14
C ARG A 519 13.99 20.16 10.54
N PHE A 520 14.37 19.00 11.10
CA PHE A 520 15.07 18.86 12.39
C PHE A 520 14.30 19.47 13.56
N ILE A 521 12.99 19.26 13.55
CA ILE A 521 12.10 19.78 14.58
C ILE A 521 12.42 19.11 15.91
N GLY A 522 12.66 19.94 16.92
CA GLY A 522 12.94 19.44 18.25
C GLY A 522 14.41 19.23 18.55
N LEU A 523 15.27 19.53 17.57
CA LEU A 523 16.71 19.31 17.70
C LEU A 523 17.31 19.88 19.00
N ARG A 524 16.88 21.08 19.39
CA ARG A 524 17.43 21.74 20.58
C ARG A 524 17.13 20.97 21.86
N VAL A 525 15.88 20.56 22.00
CA VAL A 525 15.45 19.71 23.12
C VAL A 525 16.21 18.40 23.14
N GLU A 526 16.43 17.85 21.95
CA GLU A 526 17.13 16.58 21.80
C GLU A 526 18.61 16.64 22.23
N SER A 527 19.22 17.81 22.10
CA SER A 527 20.61 17.96 22.51
C SER A 527 20.68 17.99 24.03
N SER A 528 19.68 18.60 24.65
CA SER A 528 19.63 18.69 26.09
C SER A 528 19.33 17.31 26.71
N VAL A 529 18.37 16.62 26.13
CA VAL A 529 18.01 15.27 26.51
C VAL A 529 19.17 14.29 26.35
N LEU A 530 20.03 14.54 25.37
CA LEU A 530 21.21 13.74 25.18
C LEU A 530 22.24 14.00 26.26
N ARG A 531 22.37 15.27 26.63
CA ARG A 531 23.42 15.72 27.52
C ARG A 531 23.15 15.38 28.99
N VAL A 532 21.89 15.46 29.40
CA VAL A 532 21.52 15.12 30.79
C VAL A 532 21.35 13.60 30.99
N ARG A 533 21.28 12.85 29.88
CA ARG A 533 21.18 11.38 29.94
C ARG A 533 22.43 10.59 29.54
N ASN A 534 23.03 10.93 28.40
CA ASN A 534 24.24 10.26 27.93
C ASN A 534 25.23 11.24 27.28
N PRO A 535 25.94 12.01 28.10
CA PRO A 535 26.85 13.05 27.63
C PRO A 535 28.11 12.46 27.02
N THR A 536 28.78 13.26 26.20
CA THR A 536 30.08 12.89 25.64
C THR A 536 31.17 13.67 26.35
N ASP A 550 28.49 24.88 15.64
CA ASP A 550 27.52 23.89 16.10
C ASP A 550 27.04 23.04 14.93
N LEU A 551 27.80 23.07 13.83
CA LEU A 551 27.50 22.26 12.65
C LEU A 551 27.89 20.79 12.88
N SER A 552 28.96 20.59 13.66
CA SER A 552 29.39 19.24 14.10
C SER A 552 28.47 18.67 15.18
N GLY A 553 28.06 19.53 16.12
CA GLY A 553 27.10 19.15 17.18
C GLY A 553 25.74 18.80 16.59
N HIS A 554 25.40 19.48 15.51
CA HIS A 554 24.19 19.23 14.74
C HIS A 554 24.16 17.80 14.21
N LEU A 555 25.30 17.31 13.72
CA LEU A 555 25.37 15.96 13.14
C LEU A 555 25.36 14.88 14.22
N TYR A 556 26.11 15.14 15.29
CA TYR A 556 26.26 14.22 16.39
C TYR A 556 24.92 14.03 17.09
N VAL A 557 24.19 15.12 17.27
CA VAL A 557 22.89 15.05 17.93
C VAL A 557 21.85 14.34 17.06
N THR A 558 21.77 14.72 15.78
CA THR A 558 20.81 14.11 14.85
C THR A 558 20.96 12.59 14.82
N LEU A 559 22.19 12.11 14.69
CA LEU A 559 22.48 10.67 14.73
C LEU A 559 22.22 10.00 16.10
N MET A 560 22.79 10.58 17.15
CA MET A 560 22.79 10.00 18.48
C MET A 560 21.40 10.02 19.10
N SER A 561 20.55 10.96 18.67
CA SER A 561 19.20 11.07 19.22
C SER A 561 18.29 9.91 18.81
N GLY A 562 18.51 9.34 17.63
CA GLY A 562 17.67 8.29 17.08
C GLY A 562 16.29 8.84 16.69
N ALA A 563 16.18 10.15 16.64
CA ALA A 563 14.92 10.82 16.41
C ALA A 563 14.68 11.24 14.96
N TYR A 564 15.74 11.26 14.13
CA TYR A 564 15.63 11.73 12.73
C TYR A 564 16.09 10.73 11.68
N VAL A 565 15.46 10.83 10.51
CA VAL A 565 15.95 10.16 9.29
C VAL A 565 16.06 11.17 8.17
N THR A 566 17.29 11.54 7.83
CA THR A 566 17.54 12.38 6.65
C THR A 566 18.69 11.80 5.81
N ASP A 567 18.93 12.38 4.63
CA ASP A 567 19.91 11.84 3.67
C ASP A 567 21.32 12.41 3.88
N LEU A 568 22.21 11.57 4.41
CA LEU A 568 23.60 11.95 4.63
C LEU A 568 24.31 12.40 3.37
N PHE A 569 24.19 11.63 2.30
CA PHE A 569 24.91 11.94 1.05
C PHE A 569 24.54 13.32 0.53
N TRP A 570 23.25 13.57 0.38
CA TRP A 570 22.75 14.86 -0.06
C TRP A 570 23.11 15.97 0.95
N TRP A 571 22.97 15.67 2.23
CA TRP A 571 23.32 16.60 3.30
C TRP A 571 24.81 16.99 3.27
N PHE A 572 25.69 15.99 3.23
CA PHE A 572 27.13 16.27 3.08
C PHE A 572 27.39 17.07 1.81
N LYS A 573 26.59 16.83 0.77
CA LYS A 573 26.78 17.57 -0.48
C LYS A 573 26.32 19.02 -0.32
N MET A 574 25.29 19.24 0.48
CA MET A 574 24.74 20.58 0.67
C MET A 574 25.64 21.43 1.56
N ILE A 575 26.33 20.77 2.49
CA ILE A 575 27.18 21.42 3.49
C ILE A 575 28.47 21.97 2.88
N LEU A 576 29.18 21.12 2.13
CA LEU A 576 30.50 21.45 1.60
C LEU A 576 30.43 22.17 0.26
N ASP A 577 29.67 21.61 -0.67
CA ASP A 577 29.62 22.11 -2.04
C ASP A 577 28.80 23.38 -2.25
N TRP A 578 28.01 23.77 -1.25
CA TRP A 578 26.94 24.74 -1.52
C TRP A 578 26.82 25.99 -0.63
N SER A 579 27.26 25.95 0.62
CA SER A 579 26.55 26.74 1.65
C SER A 579 27.03 28.03 2.40
N ALA A 580 28.31 28.29 2.68
CA ALA A 580 29.34 28.78 1.74
C ALA A 580 29.71 28.00 0.48
N GLN A 581 29.97 28.72 -0.63
CA GLN A 581 29.17 29.86 -1.16
C GLN A 581 29.02 31.34 -0.72
N ASN A 582 27.84 31.90 -1.02
CA ASN A 582 27.53 33.35 -0.92
C ASN A 582 26.01 33.49 -0.72
N ARG A 583 25.61 34.21 0.33
CA ARG A 583 24.17 34.34 0.69
C ARG A 583 23.33 34.67 -0.55
N GLU A 584 23.79 35.66 -1.33
CA GLU A 584 23.08 36.14 -2.50
C GLU A 584 23.00 35.14 -3.66
N GLN A 585 24.15 34.63 -4.08
CA GLN A 585 24.23 33.75 -5.26
C GLN A 585 23.71 32.36 -4.94
N LYS A 586 23.17 32.20 -3.75
CA LYS A 586 22.67 30.92 -3.30
C LYS A 586 21.15 30.91 -3.01
N LEU A 587 20.41 31.82 -3.65
CA LEU A 587 18.94 31.85 -3.44
C LEU A 587 18.04 32.72 -4.36
N ARG A 588 18.47 33.20 -5.54
CA ARG A 588 19.27 32.50 -6.57
C ARG A 588 19.05 30.98 -6.69
N ASP A 589 20.11 30.17 -6.55
CA ASP A 589 19.97 28.73 -6.83
C ASP A 589 18.92 27.97 -5.97
N LEU A 590 18.08 28.71 -5.25
CA LEU A 590 17.02 28.16 -4.42
C LEU A 590 15.63 28.47 -4.99
N LYS A 591 15.59 29.32 -6.02
CA LYS A 591 14.36 29.98 -6.45
C LYS A 591 13.39 29.39 -7.53
N ARG A 592 13.75 29.09 -8.79
CA ARG A 592 15.04 28.62 -9.38
C ARG A 592 15.09 27.10 -9.24
N SER A 593 15.33 26.62 -8.02
CA SER A 593 15.19 25.21 -7.72
C SER A 593 13.75 24.94 -7.28
N ALA A 594 12.97 26.01 -7.13
CA ALA A 594 11.59 25.92 -6.60
C ALA A 594 11.58 25.23 -5.24
N ALA A 595 12.56 25.58 -4.41
CA ALA A 595 12.75 24.96 -3.10
C ALA A 595 12.50 25.97 -2.00
N GLU A 596 12.00 25.48 -0.88
CA GLU A 596 11.81 26.28 0.32
C GLU A 596 12.46 25.62 1.51
N VAL A 597 12.44 26.35 2.63
CA VAL A 597 13.25 26.07 3.80
C VAL A 597 12.50 26.50 5.08
N ILE A 598 12.99 26.11 6.25
CA ILE A 598 12.57 26.72 7.52
C ILE A 598 13.75 27.11 8.42
N GLU A 599 14.82 27.66 7.85
CA GLU A 599 15.94 28.22 8.63
C GLU A 599 16.97 28.95 7.79
N TRP A 600 17.30 30.17 8.22
CA TRP A 600 18.40 30.93 7.63
C TRP A 600 19.54 31.11 8.61
N VAL A 611 35.22 22.77 8.20
CA VAL A 611 33.89 22.18 8.24
C VAL A 611 33.94 20.67 8.01
N ARG A 612 34.71 20.23 7.01
CA ARG A 612 34.97 18.81 6.74
C ARG A 612 35.56 18.08 7.97
N ASN A 613 36.49 18.75 8.63
CA ASN A 613 37.12 18.24 9.85
C ASN A 613 36.15 18.20 11.04
N ASP A 614 35.13 19.05 11.00
CA ASP A 614 34.08 19.09 12.02
C ASP A 614 33.15 17.91 11.86
N LEU A 615 32.75 17.66 10.62
CA LEU A 615 31.89 16.51 10.31
C LEU A 615 32.56 15.18 10.65
N ILE A 616 33.86 15.06 10.37
CA ILE A 616 34.57 13.82 10.71
C ILE A 616 34.74 13.64 12.23
N ALA A 617 34.88 14.77 12.93
CA ALA A 617 34.91 14.78 14.40
C ALA A 617 33.59 14.26 14.98
N ALA A 618 32.47 14.67 14.38
CA ALA A 618 31.16 14.21 14.81
C ALA A 618 31.06 12.69 14.65
N LEU A 619 31.43 12.19 13.46
CA LEU A 619 31.34 10.77 13.13
C LEU A 619 32.20 9.92 14.06
N ARG A 620 33.42 10.39 14.33
CA ARG A 620 34.34 9.71 15.24
C ARG A 620 33.75 9.62 16.64
N GLU A 621 33.18 10.73 17.09
CA GLU A 621 32.56 10.80 18.41
C GLU A 621 31.37 9.86 18.47
N TYR A 622 30.68 9.71 17.34
CA TYR A 622 29.51 8.85 17.27
C TYR A 622 29.86 7.36 17.37
N LYS A 623 30.82 6.92 16.54
CA LYS A 623 31.24 5.51 16.54
C LYS A 623 31.99 5.15 17.82
N ARG A 624 32.66 6.14 18.42
CA ARG A 624 33.36 5.95 19.68
C ARG A 624 32.38 5.72 20.82
N LYS A 625 31.15 6.23 20.65
CA LYS A 625 30.09 6.00 21.61
C LYS A 625 29.36 4.68 21.37
N MET A 626 29.48 4.15 20.15
CA MET A 626 28.91 2.84 19.81
C MET A 626 29.59 2.12 18.63
N GLY A 627 30.45 1.15 18.97
CA GLY A 627 31.00 0.22 18.00
C GLY A 627 30.22 -1.08 18.10
N MET A 628 30.48 -2.03 17.19
CA MET A 628 29.71 -3.28 17.09
C MET A 628 28.24 -3.02 16.73
N ARG A 629 27.52 -2.36 17.64
CA ARG A 629 26.20 -1.79 17.32
C ARG A 629 26.44 -0.68 16.31
N GLU A 630 26.67 -1.07 15.06
CA GLU A 630 27.24 -0.19 14.03
C GLU A 630 28.78 -0.27 14.03
N GLY A 631 29.42 0.44 13.10
CA GLY A 631 28.69 1.31 12.21
C GLY A 631 28.89 1.14 10.71
N ALA A 632 29.76 0.21 10.33
CA ALA A 632 30.65 0.46 9.20
C ALA A 632 31.52 1.70 9.12
N SER A 633 30.95 2.90 8.86
CA SER A 633 29.95 3.21 7.79
C SER A 633 29.49 4.68 7.77
N ILE A 634 29.67 5.50 8.84
CA ILE A 634 30.83 5.60 9.76
C ILE A 634 32.13 5.67 8.96
N ASP A 635 33.00 4.66 9.10
CA ASP A 635 34.26 4.63 8.36
C ASP A 635 34.03 4.89 6.87
N SER A 636 32.93 4.37 6.34
CA SER A 636 32.56 4.60 4.95
C SER A 636 32.39 6.10 4.65
N TRP A 637 31.62 6.79 5.48
CA TRP A 637 31.45 8.24 5.34
C TRP A 637 32.71 8.98 5.77
N LEU A 638 33.42 8.44 6.75
CA LEU A 638 34.68 9.00 7.21
C LEU A 638 35.71 9.01 6.10
N GLU A 639 35.92 7.84 5.48
CA GLU A 639 36.82 7.69 4.33
C GLU A 639 36.25 8.29 3.04
N LEU A 640 35.04 8.86 3.13
CA LEU A 640 34.47 9.64 2.04
C LEU A 640 34.71 11.14 2.22
N LEU A 641 34.60 11.64 3.44
CA LEU A 641 34.83 13.06 3.69
C LEU A 641 36.30 13.45 3.57
N ARG A 642 37.19 12.57 4.02
CA ARG A 642 38.64 12.79 3.93
C ARG A 642 39.21 12.40 2.55
N HIS A 643 38.37 12.53 1.52
CA HIS A 643 38.76 12.28 0.14
C HIS A 643 37.76 13.00 -0.78
N LEU A 644 36.49 12.62 -0.66
CA LEU A 644 35.36 13.19 -1.44
C LEU A 644 35.50 13.02 -2.95
#